data_7EIC
#
_entry.id   7EIC
#
_cell.length_a   30.367
_cell.length_b   51.702
_cell.length_c   56.273
_cell.angle_alpha   89.30
_cell.angle_beta   74.81
_cell.angle_gamma   89.87
#
_symmetry.space_group_name_H-M   'P 1'
#
loop_
_entity.id
_entity.type
_entity.pdbx_description
1 polymer 'Histone H4'
2 polymer 'Protein AF-9'
3 non-polymer GLYCEROL
4 non-polymer DI(HYDROXYETHYL)ETHER
5 water water
#
loop_
_entity_poly.entity_id
_entity_poly.type
_entity_poly.pdbx_seq_one_letter_code
_entity_poly.pdbx_strand_id
1 'polypeptide(L)' SGRG(ALY)GG(ALY)GLGK C
2 'polypeptide(L)'
;GSSGSSGMASSCAVQVKLELGHRAQVRKKPTVEGFTHDWMVFVRGPEHSNIQHFVEKVVFHLHESFPRPKRVCKDPPYKV
EESGYAGFILPIEVYFKNKEEPRKVRFDYDLFLHLEGHPPVNHLRCEKLTFNNPTEDFRRKLLKA
;
A,B
#
# COMPACT_ATOMS: atom_id res chain seq x y z
N GLY A 4 7.23 -6.47 3.99
CA GLY A 4 6.50 -5.39 4.71
C GLY A 4 6.56 -4.05 4.00
N GLY A 6 7.22 -0.76 1.65
CA GLY A 6 6.92 -0.47 0.26
C GLY A 6 5.79 -1.31 -0.32
N GLY A 7 4.81 -1.63 0.53
CA GLY A 7 3.63 -2.38 0.11
C GLY A 7 2.61 -1.54 -0.66
N GLY A 9 1.13 0.56 -3.50
CA GLY A 9 1.36 0.65 -4.94
C GLY A 9 0.11 0.90 -5.77
N LEU A 10 0.32 1.18 -7.06
CA LEU A 10 -0.75 1.45 -8.01
C LEU A 10 -0.89 0.31 -9.01
N GLY A 11 -2.11 0.12 -9.51
CA GLY A 11 -2.47 -1.00 -10.38
C GLY A 11 -2.93 -2.21 -9.58
N LYS A 12 -3.54 -3.17 -10.27
CA LYS A 12 -3.98 -4.43 -9.64
C LYS A 12 -2.77 -5.24 -9.17
N MET B 8 -27.96 -35.05 20.64
CA MET B 8 -29.28 -34.95 19.94
C MET B 8 -29.26 -35.52 18.52
N ALA B 9 -30.44 -35.82 18.00
CA ALA B 9 -30.60 -36.29 16.62
C ALA B 9 -30.28 -35.24 15.56
N SER B 10 -30.50 -33.96 15.89
CA SER B 10 -30.46 -32.88 14.90
C SER B 10 -29.13 -32.13 14.85
N SER B 11 -28.83 -31.62 13.66
CA SER B 11 -27.61 -30.86 13.39
C SER B 11 -27.96 -29.70 12.47
N CYS B 12 -27.12 -28.67 12.46
CA CYS B 12 -27.42 -27.40 11.81
C CYS B 12 -26.18 -26.78 11.16
N ALA B 13 -26.32 -26.32 9.92
CA ALA B 13 -25.30 -25.50 9.25
C ALA B 13 -25.98 -24.23 8.75
N VAL B 14 -25.51 -23.08 9.26
CA VAL B 14 -26.07 -21.78 8.91
C VAL B 14 -25.05 -21.02 8.07
N GLN B 15 -25.51 -20.49 6.95
CA GLN B 15 -24.66 -19.75 6.03
C GLN B 15 -25.15 -18.31 5.92
N VAL B 16 -24.22 -17.36 5.95
CA VAL B 16 -24.54 -15.94 5.77
C VAL B 16 -23.66 -15.37 4.68
N LYS B 17 -24.21 -14.42 3.93
CA LYS B 17 -23.53 -13.79 2.81
C LYS B 17 -23.02 -12.41 3.22
N LEU B 18 -21.75 -12.14 2.93
CA LEU B 18 -21.13 -10.83 3.16
C LEU B 18 -20.61 -10.29 1.85
N GLU B 19 -20.77 -8.98 1.64
CA GLU B 19 -20.22 -8.29 0.47
C GLU B 19 -19.16 -7.31 0.92
N LEU B 20 -17.93 -7.54 0.48
CA LEU B 20 -16.81 -6.61 0.69
C LEU B 20 -16.56 -5.91 -0.63
N GLY B 21 -16.20 -4.65 -0.59
CA GLY B 21 -15.97 -3.89 -1.81
C GLY B 21 -15.31 -2.55 -1.60
N HIS B 22 -14.88 -1.95 -2.70
CA HIS B 22 -14.35 -0.59 -2.65
C HIS B 22 -14.50 0.13 -3.97
N ARG B 23 -14.53 1.45 -3.88
CA ARG B 23 -14.56 2.33 -5.03
C ARG B 23 -13.40 3.31 -4.90
N ALA B 24 -12.81 3.66 -6.03
CA ALA B 24 -11.72 4.64 -6.06
C ALA B 24 -11.79 5.48 -7.32
N GLN B 25 -11.44 6.76 -7.19
CA GLN B 25 -11.39 7.69 -8.31
C GLN B 25 -10.19 8.61 -8.13
N VAL B 26 -9.57 9.00 -9.26
CA VAL B 26 -8.50 9.98 -9.24
C VAL B 26 -9.14 11.35 -9.02
N ARG B 27 -8.53 12.16 -8.15
CA ARG B 27 -9.04 13.49 -7.85
C ARG B 27 -8.73 14.45 -8.99
N LYS B 28 -9.60 15.44 -9.18
CA LYS B 28 -9.37 16.50 -10.16
C LYS B 28 -8.17 17.36 -9.74
N LYS B 29 -8.01 17.55 -8.45
CA LYS B 29 -6.83 18.20 -7.87
C LYS B 29 -6.35 17.40 -6.65
N PRO B 30 -5.03 17.08 -6.60
CA PRO B 30 -4.52 16.34 -5.42
C PRO B 30 -4.52 17.19 -4.15
N THR B 31 -4.52 16.53 -3.00
CA THR B 31 -4.54 17.23 -1.71
C THR B 31 -3.18 17.85 -1.44
N VAL B 32 -3.10 18.67 -0.41
CA VAL B 32 -1.83 19.27 0.02
C VAL B 32 -0.78 18.22 0.46
N GLU B 33 -1.24 17.08 0.98
CA GLU B 33 -0.34 15.97 1.35
C GLU B 33 0.17 15.17 0.15
N GLY B 34 -0.39 15.41 -1.05
CA GLY B 34 -0.06 14.68 -2.26
C GLY B 34 -0.95 13.47 -2.50
N PHE B 35 -2.15 13.45 -1.90
CA PHE B 35 -3.09 12.36 -2.12
C PHE B 35 -3.81 12.58 -3.45
N THR B 36 -3.66 11.61 -4.34
CA THR B 36 -4.17 11.68 -5.72
C THR B 36 -5.55 11.04 -5.90
N HIS B 37 -5.92 10.13 -5.00
CA HIS B 37 -7.15 9.35 -5.11
C HIS B 37 -8.05 9.57 -3.91
N ASP B 38 -9.36 9.52 -4.16
CA ASP B 38 -10.36 9.33 -3.11
C ASP B 38 -10.85 7.89 -3.21
N TRP B 39 -10.99 7.23 -2.07
CA TRP B 39 -11.54 5.87 -2.04
C TRP B 39 -12.46 5.63 -0.86
N MET B 40 -13.25 4.58 -0.99
CA MET B 40 -14.16 4.13 0.05
C MET B 40 -14.19 2.62 0.04
N VAL B 41 -14.09 2.00 1.21
CA VAL B 41 -14.10 0.55 1.37
C VAL B 41 -15.21 0.19 2.33
N PHE B 42 -15.87 -0.95 2.10
CA PHE B 42 -17.04 -1.31 2.89
C PHE B 42 -17.20 -2.82 3.12
N VAL B 43 -18.01 -3.13 4.13
CA VAL B 43 -18.52 -4.47 4.37
C VAL B 43 -20.03 -4.30 4.52
N ARG B 44 -20.80 -5.11 3.82
CA ARG B 44 -22.26 -5.04 3.89
C ARG B 44 -22.92 -6.38 3.59
N GLY B 45 -24.20 -6.48 3.94
CA GLY B 45 -25.01 -7.62 3.56
C GLY B 45 -25.49 -7.47 2.13
N PRO B 46 -25.75 -8.59 1.42
CA PRO B 46 -26.27 -8.46 0.06
C PRO B 46 -27.71 -7.96 0.05
N GLU B 47 -28.05 -7.16 -0.96
CA GLU B 47 -29.42 -6.66 -1.16
C GLU B 47 -30.01 -6.00 0.08
N HIS B 48 -29.22 -5.17 0.74
CA HIS B 48 -29.67 -4.40 1.91
C HIS B 48 -30.03 -5.26 3.15
N SER B 49 -29.56 -6.50 3.22
CA SER B 49 -29.84 -7.37 4.37
C SER B 49 -29.10 -6.84 5.58
N ASN B 50 -29.77 -6.83 6.74
CA ASN B 50 -29.18 -6.25 7.96
C ASN B 50 -28.29 -7.23 8.71
N ILE B 51 -26.99 -7.17 8.41
CA ILE B 51 -26.00 -8.01 9.10
C ILE B 51 -25.70 -7.55 10.54
N GLN B 52 -26.15 -6.36 10.93
CA GLN B 52 -25.99 -5.90 12.33
C GLN B 52 -26.63 -6.86 13.35
N HIS B 53 -27.64 -7.62 12.92
CA HIS B 53 -28.23 -8.67 13.76
C HIS B 53 -27.18 -9.60 14.36
N PHE B 54 -26.14 -9.95 13.58
CA PHE B 54 -25.07 -10.84 14.05
C PHE B 54 -23.66 -10.26 14.10
N VAL B 55 -23.44 -9.07 13.52
CA VAL B 55 -22.12 -8.42 13.52
C VAL B 55 -22.02 -7.46 14.70
N GLU B 56 -21.00 -7.65 15.53
CA GLU B 56 -20.69 -6.78 16.66
C GLU B 56 -20.03 -5.48 16.17
N LYS B 57 -18.97 -5.65 15.39
CA LYS B 57 -18.23 -4.53 14.80
C LYS B 57 -17.37 -5.00 13.64
N VAL B 58 -16.99 -4.05 12.78
CA VAL B 58 -16.04 -4.29 11.70
C VAL B 58 -14.84 -3.40 11.95
N VAL B 59 -13.65 -3.99 11.96
CA VAL B 59 -12.39 -3.26 12.14
C VAL B 59 -11.64 -3.27 10.81
N PHE B 60 -11.34 -2.07 10.29
CA PHE B 60 -10.57 -1.87 9.08
C PHE B 60 -9.16 -1.46 9.47
N HIS B 61 -8.18 -2.32 9.19
CA HIS B 61 -6.78 -2.05 9.49
C HIS B 61 -6.11 -1.36 8.31
N LEU B 62 -6.05 -0.05 8.36
CA LEU B 62 -5.44 0.74 7.31
C LEU B 62 -3.92 0.68 7.37
N HIS B 63 -3.29 1.06 6.26
CA HIS B 63 -1.83 1.14 6.17
C HIS B 63 -1.32 2.12 7.23
N GLU B 64 -0.16 1.81 7.81
CA GLU B 64 0.49 2.61 8.88
C GLU B 64 0.70 4.11 8.57
N SER B 65 0.72 4.48 7.30
CA SER B 65 0.81 5.88 6.87
C SER B 65 -0.42 6.73 7.21
N PHE B 66 -1.57 6.09 7.45
CA PHE B 66 -2.80 6.79 7.84
C PHE B 66 -2.82 7.08 9.34
N PRO B 67 -3.40 8.23 9.75
CA PRO B 67 -3.58 8.48 11.17
C PRO B 67 -4.66 7.57 11.75
N ARG B 68 -4.49 7.13 13.00
CA ARG B 68 -5.42 6.22 13.66
C ARG B 68 -5.84 5.06 12.73
N PRO B 69 -4.85 4.28 12.26
CA PRO B 69 -5.09 3.31 11.18
C PRO B 69 -6.10 2.20 11.48
N LYS B 70 -6.31 1.87 12.75
CA LYS B 70 -7.33 0.91 13.15
C LYS B 70 -8.68 1.65 13.23
N ARG B 71 -9.48 1.50 12.18
CA ARG B 71 -10.78 2.19 12.09
C ARG B 71 -11.89 1.21 12.42
N VAL B 72 -12.59 1.48 13.53
CA VAL B 72 -13.61 0.60 14.06
C VAL B 72 -14.99 1.15 13.73
N CYS B 73 -15.84 0.32 13.12
CA CYS B 73 -17.24 0.64 12.88
C CYS B 73 -18.09 -0.28 13.74
N LYS B 74 -18.59 0.25 14.85
CA LYS B 74 -19.45 -0.50 15.76
C LYS B 74 -20.87 -0.67 15.22
N ASP B 75 -21.29 0.23 14.33
CA ASP B 75 -22.62 0.18 13.71
C ASP B 75 -22.50 0.35 12.19
N PRO B 76 -23.56 -0.02 11.45
CA PRO B 76 -23.59 0.29 10.02
C PRO B 76 -23.75 1.80 9.75
N PRO B 77 -23.27 2.31 8.61
CA PRO B 77 -22.55 1.53 7.60
C PRO B 77 -21.13 1.18 8.05
N TYR B 78 -20.69 -0.04 7.72
CA TYR B 78 -19.33 -0.47 8.01
C TYR B 78 -18.48 -0.05 6.83
N LYS B 79 -17.87 1.12 6.93
CA LYS B 79 -17.10 1.67 5.82
C LYS B 79 -16.06 2.67 6.29
N VAL B 80 -15.06 2.89 5.45
CA VAL B 80 -14.05 3.90 5.65
C VAL B 80 -13.95 4.70 4.37
N GLU B 81 -14.00 6.02 4.50
CA GLU B 81 -13.83 6.94 3.37
C GLU B 81 -12.51 7.67 3.61
N GLU B 82 -11.63 7.62 2.62
CA GLU B 82 -10.31 8.22 2.74
C GLU B 82 -9.79 8.75 1.41
N SER B 83 -8.70 9.51 1.50
CA SER B 83 -7.91 9.92 0.35
C SER B 83 -6.51 9.35 0.54
N GLY B 84 -5.84 9.07 -0.57
CA GLY B 84 -4.49 8.51 -0.53
C GLY B 84 -3.80 8.58 -1.88
N TYR B 85 -2.63 7.96 -1.94
CA TYR B 85 -1.80 7.96 -3.16
C TYR B 85 -1.50 6.58 -3.74
N ALA B 86 -1.89 5.51 -3.04
CA ALA B 86 -1.59 4.16 -3.51
C ALA B 86 -2.43 3.12 -2.78
N GLY B 87 -2.64 2.00 -3.46
CA GLY B 87 -3.39 0.88 -2.92
C GLY B 87 -2.54 -0.03 -2.06
N PHE B 88 -3.19 -0.91 -1.31
CA PHE B 88 -2.51 -1.78 -0.35
C PHE B 88 -3.44 -2.88 0.10
N ILE B 89 -2.90 -3.87 0.80
CA ILE B 89 -3.70 -4.92 1.42
C ILE B 89 -4.20 -4.40 2.75
N LEU B 90 -5.52 -4.49 2.93
CA LEU B 90 -6.23 -3.90 4.05
C LEU B 90 -6.93 -5.03 4.81
N PRO B 91 -6.35 -5.50 5.94
CA PRO B 91 -7.03 -6.51 6.73
C PRO B 91 -8.35 -6.00 7.33
N ILE B 92 -9.42 -6.77 7.13
CA ILE B 92 -10.74 -6.44 7.66
C ILE B 92 -11.16 -7.57 8.59
N GLU B 93 -11.49 -7.22 9.83
CA GLU B 93 -11.98 -8.16 10.83
C GLU B 93 -13.47 -7.90 11.09
N VAL B 94 -14.28 -8.95 10.96
CA VAL B 94 -15.70 -8.88 11.22
C VAL B 94 -15.94 -9.65 12.51
N TYR B 95 -16.27 -8.92 13.57
CA TYR B 95 -16.56 -9.51 14.89
C TYR B 95 -18.03 -9.89 14.99
N PHE B 96 -18.32 -11.02 15.63
CA PHE B 96 -19.69 -11.51 15.75
C PHE B 96 -20.27 -11.29 17.15
N LYS B 97 -21.58 -11.15 17.20
CA LYS B 97 -22.31 -11.05 18.47
C LYS B 97 -22.52 -12.45 19.03
N ASN B 98 -21.43 -13.02 19.56
CA ASN B 98 -21.47 -14.33 20.19
C ASN B 98 -20.45 -14.46 21.31
N LYS B 99 -20.61 -15.49 22.13
CA LYS B 99 -19.68 -15.80 23.21
C LYS B 99 -18.98 -17.14 22.95
N GLU B 100 -19.06 -17.61 21.70
CA GLU B 100 -18.47 -18.88 21.27
C GLU B 100 -17.57 -18.64 20.06
N GLU B 101 -16.68 -19.60 19.80
CA GLU B 101 -15.83 -19.55 18.61
C GLU B 101 -16.64 -19.95 17.37
N PRO B 102 -16.43 -19.31 16.21
CA PRO B 102 -15.47 -18.22 16.06
C PRO B 102 -16.06 -16.88 16.53
N ARG B 103 -15.25 -16.11 17.24
CA ARG B 103 -15.62 -14.75 17.67
C ARG B 103 -15.55 -13.76 16.51
N LYS B 104 -14.68 -14.04 15.54
CA LYS B 104 -14.50 -13.17 14.38
C LYS B 104 -14.02 -13.93 13.17
N VAL B 105 -13.95 -13.23 12.05
CA VAL B 105 -13.33 -13.72 10.83
C VAL B 105 -12.48 -12.60 10.25
N ARG B 106 -11.36 -12.95 9.62
CA ARG B 106 -10.49 -11.98 8.99
C ARG B 106 -10.45 -12.17 7.47
N PHE B 107 -10.49 -11.06 6.74
CA PHE B 107 -10.25 -11.04 5.30
C PHE B 107 -9.13 -10.07 5.01
N ASP B 108 -8.16 -10.48 4.19
CA ASP B 108 -7.14 -9.56 3.66
C ASP B 108 -7.71 -8.95 2.39
N TYR B 109 -8.22 -7.72 2.50
CA TYR B 109 -8.87 -7.08 1.37
C TYR B 109 -7.88 -6.33 0.46
N ASP B 110 -8.03 -6.54 -0.85
CA ASP B 110 -7.14 -5.96 -1.84
C ASP B 110 -7.68 -4.58 -2.25
N LEU B 111 -7.25 -3.55 -1.52
CA LEU B 111 -7.64 -2.16 -1.79
C LEU B 111 -6.74 -1.61 -2.90
N PHE B 112 -7.01 -2.02 -4.13
CA PHE B 112 -6.19 -1.60 -5.28
C PHE B 112 -6.72 -0.31 -5.90
N LEU B 113 -5.81 0.52 -6.38
CA LEU B 113 -6.14 1.76 -7.07
C LEU B 113 -5.62 1.68 -8.49
N HIS B 114 -6.42 2.16 -9.45
CA HIS B 114 -5.99 2.22 -10.84
C HIS B 114 -5.11 3.45 -11.09
N LEU B 115 -4.37 3.40 -12.19
CA LEU B 115 -3.52 4.51 -12.62
C LEU B 115 -4.38 5.64 -13.18
N GLU B 116 -3.83 6.85 -13.22
CA GLU B 116 -4.56 7.98 -13.81
C GLU B 116 -4.75 7.75 -15.31
N GLY B 117 -5.90 8.15 -15.83
CA GLY B 117 -6.27 7.87 -17.21
C GLY B 117 -6.77 6.45 -17.46
N HIS B 118 -7.07 5.71 -16.38
CA HIS B 118 -7.69 4.39 -16.48
C HIS B 118 -9.08 4.48 -15.87
N PRO B 119 -9.97 3.50 -16.17
CA PRO B 119 -11.32 3.58 -15.59
C PRO B 119 -11.29 3.52 -14.06
N PRO B 120 -12.23 4.22 -13.38
CA PRO B 120 -12.22 4.19 -11.91
C PRO B 120 -12.57 2.81 -11.36
N VAL B 121 -12.08 2.52 -10.15
CA VAL B 121 -12.30 1.21 -9.53
C VAL B 121 -13.70 1.17 -8.92
N ASN B 122 -14.35 0.02 -9.10
CA ASN B 122 -15.63 -0.27 -8.48
C ASN B 122 -15.73 -1.79 -8.33
N HIS B 123 -15.22 -2.29 -7.20
CA HIS B 123 -15.02 -3.72 -7.01
C HIS B 123 -15.95 -4.29 -5.94
N LEU B 124 -16.46 -5.50 -6.20
CA LEU B 124 -17.31 -6.20 -5.25
C LEU B 124 -16.78 -7.61 -5.05
N ARG B 125 -16.54 -7.97 -3.78
CA ARG B 125 -16.00 -9.26 -3.39
C ARG B 125 -17.05 -9.93 -2.53
N CYS B 126 -17.42 -11.16 -2.92
CA CYS B 126 -18.49 -11.91 -2.29
C CYS B 126 -17.88 -12.98 -1.39
N GLU B 127 -18.31 -13.03 -0.13
CA GLU B 127 -17.83 -14.03 0.83
C GLU B 127 -19.00 -14.71 1.52
N LYS B 128 -18.90 -16.04 1.66
CA LYS B 128 -19.89 -16.86 2.35
C LYS B 128 -19.28 -17.40 3.64
N LEU B 129 -19.92 -17.11 4.76
CA LEU B 129 -19.52 -17.64 6.08
C LEU B 129 -20.42 -18.82 6.39
N THR B 130 -19.81 -19.88 6.91
CA THR B 130 -20.55 -21.07 7.34
C THR B 130 -20.31 -21.28 8.83
N PHE B 131 -21.41 -21.51 9.55
CA PHE B 131 -21.39 -21.80 10.99
C PHE B 131 -22.08 -23.13 11.24
N ASN B 132 -21.29 -24.15 11.56
CA ASN B 132 -21.81 -25.47 11.95
C ASN B 132 -22.23 -25.50 13.42
N ASN B 133 -23.50 -25.80 13.65
CA ASN B 133 -24.05 -25.96 15.01
C ASN B 133 -23.75 -24.78 15.94
N PRO B 134 -24.18 -23.56 15.54
CA PRO B 134 -24.04 -22.43 16.45
C PRO B 134 -24.99 -22.54 17.63
N THR B 135 -24.76 -21.76 18.67
CA THR B 135 -25.66 -21.73 19.83
C THR B 135 -27.03 -21.22 19.36
N GLU B 136 -28.07 -21.57 20.11
CA GLU B 136 -29.43 -21.14 19.77
C GLU B 136 -29.52 -19.62 19.63
N ASP B 137 -28.93 -18.90 20.59
CA ASP B 137 -28.90 -17.44 20.57
C ASP B 137 -28.18 -16.89 19.33
N PHE B 138 -27.03 -17.47 19.02
CA PHE B 138 -26.26 -17.03 17.86
C PHE B 138 -26.92 -17.45 16.54
N ARG B 139 -27.50 -18.65 16.51
CA ARG B 139 -28.28 -19.11 15.35
C ARG B 139 -29.43 -18.15 15.05
N ARG B 140 -30.15 -17.74 16.10
CA ARG B 140 -31.27 -16.82 15.96
C ARG B 140 -30.84 -15.47 15.38
N LYS B 141 -29.69 -14.95 15.82
CA LYS B 141 -29.14 -13.71 15.28
C LYS B 141 -28.79 -13.83 13.80
N LEU B 142 -28.09 -14.92 13.44
CA LEU B 142 -27.69 -15.19 12.06
C LEU B 142 -28.87 -15.23 11.09
N LEU B 143 -29.92 -15.95 11.47
CA LEU B 143 -31.10 -16.12 10.62
C LEU B 143 -32.09 -14.93 10.60
N LYS B 144 -31.84 -13.91 11.42
CA LYS B 144 -32.53 -12.62 11.26
C LYS B 144 -31.98 -11.82 10.07
N ALA B 145 -30.71 -12.02 9.75
CA ALA B 145 -30.06 -11.37 8.60
C ALA B 145 -30.48 -12.00 7.28
N MET C 8 22.65 38.52 -14.26
CA MET C 8 23.35 38.22 -12.97
C MET C 8 24.81 37.84 -13.20
N ALA C 9 25.69 38.34 -12.34
CA ALA C 9 27.10 37.95 -12.34
C ALA C 9 27.30 36.51 -11.90
N SER C 10 26.42 36.03 -11.00
CA SER C 10 26.60 34.75 -10.33
C SER C 10 25.93 33.58 -11.06
N SER C 11 26.57 32.42 -10.95
CA SER C 11 26.08 31.15 -11.49
C SER C 11 26.24 30.08 -10.41
N CYS C 12 25.56 28.96 -10.59
CA CYS C 12 25.48 27.94 -9.54
C CYS C 12 25.29 26.53 -10.09
N ALA C 13 26.06 25.58 -9.57
CA ALA C 13 25.87 24.16 -9.84
C ALA C 13 25.82 23.41 -8.51
N VAL C 14 24.71 22.72 -8.27
CA VAL C 14 24.52 21.96 -7.03
C VAL C 14 24.57 20.47 -7.37
N GLN C 15 25.33 19.73 -6.59
CA GLN C 15 25.46 18.29 -6.76
C GLN C 15 24.94 17.59 -5.51
N VAL C 16 24.19 16.50 -5.71
CA VAL C 16 23.67 15.70 -4.60
C VAL C 16 23.96 14.22 -4.86
N LYS C 17 24.38 13.52 -3.82
CA LYS C 17 24.71 12.11 -3.90
C LYS C 17 23.52 11.28 -3.43
N LEU C 18 23.17 10.27 -4.22
CA LEU C 18 22.14 9.30 -3.88
C LEU C 18 22.76 7.92 -3.83
N GLU C 19 22.28 7.10 -2.90
CA GLU C 19 22.68 5.70 -2.79
C GLU C 19 21.50 4.82 -3.13
N LEU C 20 21.66 4.04 -4.20
CA LEU C 20 20.71 3.01 -4.58
C LEU C 20 21.33 1.67 -4.18
N GLY C 21 20.49 0.70 -3.84
CA GLY C 21 21.00 -0.60 -3.46
C GLY C 21 19.93 -1.65 -3.28
N HIS C 22 20.36 -2.89 -3.09
CA HIS C 22 19.45 -3.95 -2.77
C HIS C 22 20.12 -5.05 -1.95
N ARG C 23 19.28 -5.81 -1.26
CA ARG C 23 19.69 -7.02 -0.56
C ARG C 23 18.87 -8.14 -1.15
N ALA C 24 19.47 -9.33 -1.24
CA ALA C 24 18.77 -10.50 -1.74
C ALA C 24 19.32 -11.76 -1.09
N GLN C 25 18.41 -12.71 -0.81
CA GLN C 25 18.77 -13.98 -0.18
C GLN C 25 17.84 -15.08 -0.72
N VAL C 26 18.43 -16.23 -1.03
CA VAL C 26 17.73 -17.33 -1.67
C VAL C 26 16.98 -18.06 -0.57
N ARG C 27 15.82 -18.60 -0.92
CA ARG C 27 14.96 -19.31 0.01
C ARG C 27 14.33 -20.51 -0.69
N LYS C 28 14.37 -21.68 -0.05
CA LYS C 28 13.87 -22.92 -0.64
C LYS C 28 12.34 -22.91 -0.79
N THR C 36 11.33 -17.82 -4.54
CA THR C 36 12.62 -18.41 -4.18
C THR C 36 13.62 -17.36 -3.66
N HIS C 37 13.40 -16.07 -3.95
CA HIS C 37 14.25 -14.98 -3.44
C HIS C 37 13.45 -14.01 -2.56
N ASP C 38 13.98 -13.70 -1.37
CA ASP C 38 13.53 -12.56 -0.58
C ASP C 38 14.48 -11.41 -0.89
N TRP C 39 13.94 -10.24 -1.19
CA TRP C 39 14.77 -9.09 -1.51
C TRP C 39 14.22 -7.77 -1.00
N MET C 40 15.12 -6.77 -0.97
CA MET C 40 14.78 -5.42 -0.54
C MET C 40 15.57 -4.46 -1.41
N VAL C 41 14.90 -3.44 -1.95
CA VAL C 41 15.53 -2.42 -2.78
C VAL C 41 15.27 -1.06 -2.15
N PHE C 42 16.23 -0.15 -2.26
CA PHE C 42 16.12 1.16 -1.61
C PHE C 42 16.80 2.30 -2.36
N VAL C 43 16.37 3.51 -2.02
CA VAL C 43 17.01 4.76 -2.41
C VAL C 43 17.19 5.55 -1.12
N ARG C 44 18.41 6.06 -0.89
CA ARG C 44 18.69 6.85 0.31
C ARG C 44 19.80 7.87 0.02
N GLY C 45 20.02 8.74 1.00
CA GLY C 45 21.18 9.64 1.00
C GLY C 45 22.34 8.94 1.69
N PRO C 46 23.59 9.39 1.42
CA PRO C 46 24.71 8.82 2.13
C PRO C 46 24.79 9.37 3.55
N GLU C 47 25.51 8.70 4.43
CA GLU C 47 25.84 9.19 5.78
C GLU C 47 24.59 9.65 6.58
N HIS C 48 24.65 10.80 7.24
CA HIS C 48 23.55 11.39 8.00
C HIS C 48 22.79 12.38 7.11
N SER C 49 22.19 11.88 6.03
CA SER C 49 21.48 12.72 5.05
C SER C 49 20.03 12.28 4.91
N ASN C 50 19.11 13.24 4.97
CA ASN C 50 17.69 12.99 4.71
C ASN C 50 17.31 13.60 3.36
N ILE C 51 17.16 12.75 2.36
CA ILE C 51 16.82 13.19 1.00
C ILE C 51 15.39 13.70 0.84
N GLN C 52 14.52 13.50 1.83
CA GLN C 52 13.20 14.12 1.83
C GLN C 52 13.27 15.66 1.78
N HIS C 53 14.39 16.23 2.22
CA HIS C 53 14.66 17.65 1.97
C HIS C 53 14.32 18.10 0.55
N PHE C 54 14.72 17.31 -0.44
CA PHE C 54 14.48 17.65 -1.86
C PHE C 54 13.67 16.64 -2.68
N VAL C 55 13.32 15.49 -2.09
CA VAL C 55 12.60 14.43 -2.80
C VAL C 55 11.10 14.47 -2.45
N GLU C 56 10.26 14.53 -3.48
CA GLU C 56 8.80 14.49 -3.34
C GLU C 56 8.32 13.06 -3.07
N LYS C 57 8.79 12.13 -3.89
CA LYS C 57 8.45 10.71 -3.77
C LYS C 57 9.41 9.86 -4.58
N VAL C 58 9.45 8.57 -4.26
CA VAL C 58 10.20 7.59 -5.04
C VAL C 58 9.21 6.52 -5.50
N VAL C 59 9.27 6.19 -6.79
CA VAL C 59 8.41 5.19 -7.39
C VAL C 59 9.31 4.04 -7.85
N PHE C 60 9.04 2.84 -7.32
CA PHE C 60 9.74 1.62 -7.69
C PHE C 60 8.86 0.83 -8.65
N HIS C 61 9.30 0.66 -9.90
CA HIS C 61 8.52 -0.02 -10.94
C HIS C 61 8.86 -1.52 -10.97
N LEU C 62 8.09 -2.30 -10.23
CA LEU C 62 8.33 -3.74 -10.12
C LEU C 62 7.86 -4.48 -11.36
N HIS C 63 8.41 -5.67 -11.57
CA HIS C 63 7.98 -6.57 -12.63
C HIS C 63 6.51 -6.94 -12.39
N GLU C 64 5.75 -7.06 -13.48
CA GLU C 64 4.29 -7.30 -13.43
C GLU C 64 3.82 -8.58 -12.71
N SER C 65 4.74 -9.46 -12.35
CA SER C 65 4.44 -10.62 -11.49
C SER C 65 4.16 -10.22 -10.03
N PHE C 66 4.55 -8.99 -9.65
CA PHE C 66 4.23 -8.44 -8.33
C PHE C 66 2.93 -7.63 -8.37
N PRO C 67 2.01 -7.88 -7.41
CA PRO C 67 0.82 -7.04 -7.30
C PRO C 67 1.14 -5.58 -7.01
N ARG C 68 0.32 -4.68 -7.54
CA ARG C 68 0.47 -3.24 -7.36
C ARG C 68 1.89 -2.82 -7.76
N PRO C 69 2.31 -3.17 -8.99
CA PRO C 69 3.73 -3.10 -9.35
C PRO C 69 4.37 -1.70 -9.29
N LYS C 70 3.59 -0.64 -9.46
CA LYS C 70 4.10 0.72 -9.33
C LYS C 70 4.05 1.11 -7.85
N ARG C 71 5.09 0.74 -7.11
CA ARG C 71 5.14 0.99 -5.67
C ARG C 71 5.61 2.41 -5.41
N VAL C 72 4.82 3.15 -4.62
CA VAL C 72 5.08 4.57 -4.36
C VAL C 72 5.49 4.76 -2.91
N CYS C 73 6.66 5.36 -2.70
CA CYS C 73 7.12 5.74 -1.37
C CYS C 73 7.15 7.26 -1.30
N LYS C 74 6.09 7.84 -0.75
CA LYS C 74 5.99 9.29 -0.58
C LYS C 74 6.86 9.79 0.56
N ASP C 75 7.08 8.94 1.57
CA ASP C 75 7.82 9.32 2.77
C ASP C 75 8.88 8.26 3.10
N PRO C 76 9.97 8.66 3.79
CA PRO C 76 11.03 7.71 4.09
C PRO C 76 10.62 6.62 5.10
N PRO C 77 11.25 5.44 5.06
CA PRO C 77 12.31 5.10 4.11
C PRO C 77 11.77 4.78 2.71
N TYR C 78 12.55 5.09 1.68
CA TYR C 78 12.16 4.80 0.31
C TYR C 78 12.71 3.42 -0.02
N LYS C 79 11.89 2.40 0.22
CA LYS C 79 12.31 1.02 0.05
C LYS C 79 11.13 0.07 -0.13
N VAL C 80 11.40 -1.03 -0.83
CA VAL C 80 10.42 -2.08 -1.05
C VAL C 80 11.04 -3.40 -0.61
N GLU C 81 10.31 -4.14 0.22
CA GLU C 81 10.68 -5.50 0.63
C GLU C 81 9.72 -6.45 -0.03
N GLU C 82 10.25 -7.43 -0.76
CA GLU C 82 9.42 -8.39 -1.47
C GLU C 82 10.02 -9.79 -1.47
N SER C 83 9.21 -10.74 -1.91
CA SER C 83 9.61 -12.12 -2.08
C SER C 83 9.08 -12.61 -3.41
N GLY C 84 9.94 -13.26 -4.18
CA GLY C 84 9.55 -13.87 -5.45
C GLY C 84 10.59 -13.68 -6.54
N TYR C 85 10.14 -13.23 -7.70
CA TYR C 85 10.99 -13.04 -8.87
C TYR C 85 12.05 -11.94 -8.64
N ALA C 86 13.25 -12.17 -9.15
CA ALA C 86 14.34 -11.20 -9.11
C ALA C 86 15.23 -11.38 -10.35
N GLY C 87 16.26 -10.54 -10.47
CA GLY C 87 17.18 -10.58 -11.61
C GLY C 87 16.74 -9.72 -12.79
N PHE C 88 15.73 -8.88 -12.57
CA PHE C 88 15.16 -8.02 -13.61
C PHE C 88 15.62 -6.58 -13.41
N ILE C 89 15.50 -5.77 -14.47
CA ILE C 89 15.74 -4.33 -14.38
C ILE C 89 14.52 -3.68 -13.71
N LEU C 90 14.77 -2.98 -12.62
CA LEU C 90 13.73 -2.34 -11.82
C LEU C 90 13.89 -0.82 -11.96
N PRO C 91 13.07 -0.17 -12.82
CA PRO C 91 13.17 1.28 -12.93
C PRO C 91 12.75 1.98 -11.64
N ILE C 92 13.58 2.94 -11.21
CA ILE C 92 13.33 3.72 -10.00
C ILE C 92 13.25 5.17 -10.44
N GLU C 93 12.11 5.81 -10.19
CA GLU C 93 11.93 7.23 -10.46
C GLU C 93 11.99 8.01 -9.16
N VAL C 94 12.91 8.97 -9.07
CA VAL C 94 12.99 9.88 -7.94
C VAL C 94 12.43 11.22 -8.37
N TYR C 95 11.29 11.60 -7.78
CA TYR C 95 10.65 12.88 -8.04
C TYR C 95 11.17 13.93 -7.08
N PHE C 96 11.37 15.15 -7.57
CA PHE C 96 11.92 16.24 -6.78
C PHE C 96 10.86 17.26 -6.34
N LYS C 97 11.13 17.94 -5.24
CA LYS C 97 10.31 19.07 -4.78
C LYS C 97 10.73 20.31 -5.54
N ASN C 98 10.44 20.33 -6.84
CA ASN C 98 10.89 21.36 -7.77
C ASN C 98 9.71 21.72 -8.65
N LYS C 99 9.56 23.02 -8.94
CA LYS C 99 8.50 23.50 -9.82
C LYS C 99 8.93 23.56 -11.29
N GLU C 100 10.24 23.44 -11.54
CA GLU C 100 10.82 23.50 -12.88
C GLU C 100 11.46 22.15 -13.23
N GLU C 101 11.90 22.01 -14.47
CA GLU C 101 12.59 20.79 -14.91
C GLU C 101 14.03 20.77 -14.37
N PRO C 102 14.60 19.60 -14.06
CA PRO C 102 13.91 18.32 -14.19
C PRO C 102 12.99 18.05 -13.00
N ARG C 103 11.80 17.54 -13.28
CA ARG C 103 10.84 17.14 -12.24
C ARG C 103 11.21 15.81 -11.58
N LYS C 104 11.92 14.95 -12.32
CA LYS C 104 12.34 13.65 -11.82
C LYS C 104 13.59 13.14 -12.51
N VAL C 105 14.12 12.05 -11.97
CA VAL C 105 15.20 11.29 -12.60
C VAL C 105 14.82 9.82 -12.53
N ARG C 106 15.21 9.05 -13.56
CA ARG C 106 14.91 7.62 -13.64
C ARG C 106 16.22 6.84 -13.66
N PHE C 107 16.34 5.86 -12.75
CA PHE C 107 17.47 4.91 -12.74
C PHE C 107 16.95 3.52 -13.06
N ASP C 108 17.61 2.83 -14.00
CA ASP C 108 17.31 1.43 -14.28
C ASP C 108 18.19 0.55 -13.41
N TYR C 109 17.63 0.05 -12.31
CA TYR C 109 18.39 -0.70 -11.31
C TYR C 109 18.41 -2.21 -11.60
N ASP C 110 19.61 -2.80 -11.62
CA ASP C 110 19.78 -4.24 -11.81
C ASP C 110 19.60 -4.96 -10.48
N LEU C 111 18.41 -5.51 -10.26
CA LEU C 111 18.11 -6.27 -9.04
C LEU C 111 18.64 -7.69 -9.18
N PHE C 112 19.96 -7.84 -9.16
CA PHE C 112 20.59 -9.11 -9.53
C PHE C 112 20.44 -10.18 -8.45
N LEU C 113 20.57 -11.43 -8.88
CA LEU C 113 20.27 -12.61 -8.05
C LEU C 113 21.37 -12.93 -7.04
N HIS C 114 20.95 -13.44 -5.88
CA HIS C 114 21.83 -14.14 -4.95
C HIS C 114 22.00 -15.61 -5.39
N LEU C 115 23.24 -16.10 -5.29
CA LEU C 115 23.54 -17.52 -5.56
C LEU C 115 23.54 -18.31 -4.25
N GLU C 116 22.93 -19.50 -4.26
CA GLU C 116 22.85 -20.36 -3.07
C GLU C 116 24.26 -20.71 -2.59
N GLY C 117 24.50 -20.55 -1.29
CA GLY C 117 25.82 -20.79 -0.69
C GLY C 117 26.69 -19.56 -0.53
N HIS C 118 26.50 -18.57 -1.40
CA HIS C 118 27.30 -17.34 -1.38
C HIS C 118 26.80 -16.45 -0.25
N PRO C 119 27.60 -15.47 0.21
CA PRO C 119 27.04 -14.54 1.20
C PRO C 119 25.87 -13.76 0.60
N PRO C 120 24.84 -13.44 1.41
CA PRO C 120 23.69 -12.67 0.92
C PRO C 120 24.09 -11.42 0.12
N VAL C 121 23.34 -11.12 -0.94
CA VAL C 121 23.60 -9.92 -1.73
C VAL C 121 23.38 -8.69 -0.84
N ASN C 122 24.32 -7.75 -0.93
CA ASN C 122 24.25 -6.48 -0.21
C ASN C 122 24.95 -5.42 -1.06
N HIS C 123 24.26 -4.99 -2.12
CA HIS C 123 24.86 -4.14 -3.15
C HIS C 123 24.55 -2.67 -2.92
N LEU C 124 25.54 -1.83 -3.22
CA LEU C 124 25.41 -0.38 -3.12
C LEU C 124 25.85 0.25 -4.44
N ARG C 125 25.01 1.16 -4.96
CA ARG C 125 25.26 1.88 -6.21
C ARG C 125 25.13 3.36 -5.89
N CYS C 126 26.25 4.08 -6.00
CA CYS C 126 26.26 5.53 -5.76
C CYS C 126 25.94 6.25 -7.07
N GLU C 127 25.03 7.22 -6.99
CA GLU C 127 24.66 8.07 -8.11
C GLU C 127 24.83 9.52 -7.70
N LYS C 128 25.24 10.35 -8.67
CA LYS C 128 25.46 11.76 -8.43
C LYS C 128 24.57 12.54 -9.40
N LEU C 129 23.73 13.42 -8.86
CA LEU C 129 22.89 14.31 -9.65
C LEU C 129 23.48 15.71 -9.61
N THR C 130 23.46 16.39 -10.75
CA THR C 130 23.93 17.77 -10.85
C THR C 130 22.77 18.64 -11.36
N PHE C 131 22.54 19.76 -10.67
CA PHE C 131 21.53 20.74 -11.05
C PHE C 131 22.19 22.08 -11.34
N ASN C 132 22.08 22.55 -12.59
CA ASN C 132 22.63 23.85 -13.00
C ASN C 132 21.62 24.96 -12.76
N ASN C 133 22.01 25.95 -11.95
CA ASN C 133 21.19 27.13 -11.63
C ASN C 133 19.74 26.80 -11.26
N PRO C 134 19.55 26.00 -10.21
CA PRO C 134 18.18 25.71 -9.75
C PRO C 134 17.52 26.95 -9.17
N THR C 135 16.20 26.91 -8.99
CA THR C 135 15.49 28.01 -8.36
C THR C 135 16.00 28.18 -6.92
N GLU C 136 15.88 29.40 -6.40
CA GLU C 136 16.29 29.68 -5.02
C GLU C 136 15.69 28.67 -4.04
N ASP C 137 14.38 28.42 -4.16
CA ASP C 137 13.69 27.49 -3.27
C ASP C 137 14.26 26.06 -3.37
N PHE C 138 14.44 25.58 -4.60
CA PHE C 138 14.97 24.24 -4.82
C PHE C 138 16.45 24.12 -4.41
N ARG C 139 17.23 25.16 -4.68
CA ARG C 139 18.63 25.22 -4.26
C ARG C 139 18.76 25.04 -2.74
N ARG C 140 17.95 25.79 -1.99
CA ARG C 140 17.95 25.71 -0.52
C ARG C 140 17.59 24.31 -0.01
N LYS C 141 16.59 23.70 -0.64
CA LYS C 141 16.20 22.32 -0.31
C LYS C 141 17.35 21.34 -0.55
N LEU C 142 17.95 21.41 -1.74
CA LEU C 142 19.07 20.55 -2.11
C LEU C 142 20.23 20.67 -1.13
N LEU C 143 20.58 21.91 -0.77
CA LEU C 143 21.72 22.18 0.11
C LEU C 143 21.52 21.80 1.58
N LYS C 144 20.29 21.50 1.99
CA LYS C 144 20.04 20.90 3.31
C LYS C 144 20.37 19.40 3.37
N ALA C 145 20.34 18.72 2.24
CA ALA C 145 20.67 17.28 2.17
C ALA C 145 22.16 17.05 2.31
#